data_2ABK
#
_entry.id   2ABK
#
_cell.length_a   48.500
_cell.length_b   65.800
_cell.length_c   86.800
_cell.angle_alpha   90.00
_cell.angle_beta   90.00
_cell.angle_gamma   90.00
#
_symmetry.space_group_name_H-M   'P 21 21 21'
#
loop_
_entity.id
_entity.type
_entity.pdbx_description
1 polymer 'ENDONUCLEASE III'
2 non-polymer 'IRON/SULFUR CLUSTER'
3 water water
#
_entity_poly.entity_id   1
_entity_poly.type   'polypeptide(L)'
_entity_poly.pdbx_seq_one_letter_code
;MNKAKRLEILTRLRENNPHPTTELNFSSPFELLIAVLLSAQATDVSVNKATAKLYPVANTPAAMLELGVEGVKTYIKTIG
LYNSKAENIIKTCRILLEQHNGEVPEDRAALEALPGVGRKTANVVLNTAFGWPTIAVDTHIFRVCNRTQFAPGKNVEQVE
EKLLKVVPAEFKVDCHHWLILHGRYTCIARKPRCGSCIIEDLCEYKEKVDI
;
_entity_poly.pdbx_strand_id   A
#
loop_
_chem_comp.id
_chem_comp.type
_chem_comp.name
_chem_comp.formula
SF4 non-polymer 'IRON/SULFUR CLUSTER' 'Fe4 S4'
#
# COMPACT_ATOMS: atom_id res chain seq x y z
N MET A 1 3.49 -11.13 23.61
CA MET A 1 2.84 -12.02 22.61
C MET A 1 3.68 -13.29 22.30
N ASN A 2 3.30 -14.34 21.57
CA ASN A 2 4.20 -15.45 21.24
C ASN A 2 3.88 -16.08 19.89
N LYS A 3 4.68 -17.04 19.42
CA LYS A 3 4.47 -17.72 18.16
C LYS A 3 3.09 -18.34 17.90
N ALA A 4 2.55 -19.08 18.86
CA ALA A 4 1.22 -19.64 18.72
C ALA A 4 0.11 -18.59 18.60
N LYS A 5 0.16 -17.52 19.39
CA LYS A 5 -0.83 -16.44 19.35
C LYS A 5 -0.75 -15.65 18.04
N ARG A 6 0.47 -15.40 17.59
CA ARG A 6 0.66 -14.76 16.29
C ARG A 6 0.06 -15.58 15.17
N LEU A 7 0.28 -16.88 15.21
CA LEU A 7 -0.26 -17.72 14.19
C LEU A 7 -1.79 -17.76 14.23
N GLU A 8 -2.41 -17.76 15.41
CA GLU A 8 -3.87 -17.69 15.42
C GLU A 8 -4.42 -16.32 14.94
N ILE A 9 -3.80 -15.17 15.23
CA ILE A 9 -4.21 -13.88 14.64
C ILE A 9 -4.19 -13.94 13.11
N LEU A 10 -3.08 -14.41 12.50
CA LEU A 10 -2.97 -14.54 11.02
C LEU A 10 -3.99 -15.52 10.43
N THR A 11 -4.27 -16.64 11.11
CA THR A 11 -5.33 -17.58 10.72
C THR A 11 -6.72 -16.91 10.70
N ARG A 12 -7.08 -16.09 11.72
CA ARG A 12 -8.34 -15.36 11.72
C ARG A 12 -8.42 -14.27 10.65
N LEU A 13 -7.39 -13.47 10.44
CA LEU A 13 -7.34 -12.53 9.33
C LEU A 13 -7.50 -13.23 7.95
N ARG A 14 -6.89 -14.40 7.70
CA ARG A 14 -7.13 -15.15 6.49
C ARG A 14 -8.55 -15.67 6.33
N GLU A 15 -9.12 -16.27 7.37
CA GLU A 15 -10.54 -16.65 7.35
C GLU A 15 -11.49 -15.50 7.00
N ASN A 16 -11.26 -14.34 7.61
CA ASN A 16 -12.10 -13.16 7.39
C ASN A 16 -12.03 -12.63 5.96
N ASN A 17 -10.80 -12.63 5.43
CA ASN A 17 -10.56 -12.14 4.09
C ASN A 17 -9.37 -12.90 3.47
N PRO A 18 -9.63 -14.01 2.77
CA PRO A 18 -8.59 -14.88 2.25
C PRO A 18 -7.61 -14.19 1.29
N HIS A 19 -8.11 -13.21 0.53
CA HIS A 19 -7.23 -12.54 -0.41
C HIS A 19 -7.31 -11.03 -0.31
N PRO A 20 -6.67 -10.39 0.67
CA PRO A 20 -6.71 -8.95 0.87
C PRO A 20 -5.99 -8.19 -0.23
N THR A 21 -6.44 -7.01 -0.61
CA THR A 21 -5.68 -6.23 -1.57
C THR A 21 -5.85 -4.73 -1.38
N THR A 22 -5.14 -3.93 -2.18
CA THR A 22 -5.28 -2.48 -2.16
C THR A 22 -6.70 -2.01 -2.47
N GLU A 23 -7.07 -0.84 -1.98
CA GLU A 23 -8.35 -0.23 -2.36
C GLU A 23 -8.23 0.70 -3.58
N LEU A 24 -7.01 0.87 -4.12
CA LEU A 24 -6.78 1.53 -5.39
C LEU A 24 -7.19 0.61 -6.53
N ASN A 25 -7.94 1.12 -7.49
CA ASN A 25 -8.29 0.35 -8.70
C ASN A 25 -7.14 0.27 -9.70
N PHE A 26 -6.87 -0.92 -10.18
CA PHE A 26 -5.88 -1.11 -11.22
C PHE A 26 -6.11 -2.42 -11.98
N SER A 27 -5.64 -2.47 -13.22
CA SER A 27 -5.74 -3.68 -14.01
C SER A 27 -4.39 -4.10 -14.58
N SER A 28 -3.34 -3.38 -14.22
CA SER A 28 -2.00 -3.72 -14.69
C SER A 28 -0.95 -3.20 -13.72
N PRO A 29 0.31 -3.66 -13.64
CA PRO A 29 1.39 -3.04 -12.85
C PRO A 29 1.57 -1.55 -13.10
N PHE A 30 1.48 -1.11 -14.36
CA PHE A 30 1.60 0.29 -14.71
C PHE A 30 0.47 1.11 -14.11
N GLU A 31 -0.76 0.65 -14.27
CA GLU A 31 -1.88 1.36 -13.63
C GLU A 31 -1.76 1.39 -12.11
N LEU A 32 -1.22 0.35 -11.46
CA LEU A 32 -0.94 0.43 -10.03
C LEU A 32 0.18 1.43 -9.74
N LEU A 33 1.28 1.45 -10.48
CA LEU A 33 2.36 2.42 -10.23
C LEU A 33 1.89 3.88 -10.32
N ILE A 34 1.09 4.21 -11.34
CA ILE A 34 0.56 5.56 -11.49
C ILE A 34 -0.40 5.85 -10.34
N ALA A 35 -1.31 4.93 -9.97
CA ALA A 35 -2.24 5.18 -8.87
C ALA A 35 -1.50 5.44 -7.56
N VAL A 36 -0.41 4.69 -7.32
CA VAL A 36 0.40 4.88 -6.13
C VAL A 36 1.14 6.20 -6.19
N LEU A 37 1.66 6.62 -7.34
CA LEU A 37 2.25 7.96 -7.48
C LEU A 37 1.20 9.06 -7.24
N LEU A 38 -0.07 8.83 -7.61
CA LEU A 38 -1.12 9.83 -7.37
C LEU A 38 -1.58 9.88 -5.91
N SER A 39 -1.33 8.81 -5.13
CA SER A 39 -1.69 8.66 -3.72
C SER A 39 -1.16 9.64 -2.70
N ALA A 40 0.01 10.24 -2.89
CA ALA A 40 0.58 11.14 -1.90
C ALA A 40 -0.31 12.31 -1.45
N GLN A 41 -0.61 12.39 -0.14
CA GLN A 41 -1.52 13.42 0.41
C GLN A 41 -2.89 13.46 -0.26
N ALA A 42 -3.36 12.28 -0.67
CA ALA A 42 -4.68 12.13 -1.26
C ALA A 42 -5.42 10.88 -0.79
N THR A 43 -6.75 10.83 -0.80
CA THR A 43 -7.44 9.60 -0.42
C THR A 43 -7.51 8.56 -1.54
N ASP A 44 -7.66 7.26 -1.26
CA ASP A 44 -7.85 6.29 -2.35
C ASP A 44 -9.06 6.63 -3.19
N VAL A 45 -10.16 7.11 -2.58
CA VAL A 45 -11.34 7.50 -3.34
C VAL A 45 -11.04 8.68 -4.25
N SER A 46 -10.28 9.69 -3.84
CA SER A 46 -9.83 10.76 -4.75
C SER A 46 -9.00 10.24 -5.95
N VAL A 47 -8.02 9.35 -5.66
CA VAL A 47 -7.23 8.76 -6.75
C VAL A 47 -8.12 7.96 -7.69
N ASN A 48 -9.02 7.10 -7.21
CA ASN A 48 -9.86 6.30 -8.07
C ASN A 48 -10.78 7.11 -8.97
N LYS A 49 -11.25 8.24 -8.44
CA LYS A 49 -12.05 9.17 -9.23
C LYS A 49 -11.24 9.77 -10.39
N ALA A 50 -10.01 10.23 -10.14
CA ALA A 50 -9.12 10.71 -11.20
C ALA A 50 -8.70 9.63 -12.18
N THR A 51 -8.35 8.39 -11.78
CA THR A 51 -7.96 7.37 -12.75
C THR A 51 -9.15 6.81 -13.52
N ALA A 52 -10.37 6.90 -12.98
CA ALA A 52 -11.56 6.53 -13.73
C ALA A 52 -11.73 7.42 -14.97
N LYS A 53 -11.28 8.66 -14.91
CA LYS A 53 -11.26 9.59 -16.04
C LYS A 53 -10.08 9.38 -16.99
N LEU A 54 -8.88 9.28 -16.41
CA LEU A 54 -7.63 9.13 -17.14
C LEU A 54 -7.36 7.78 -17.81
N TYR A 55 -7.50 6.67 -17.10
CA TYR A 55 -7.10 5.40 -17.71
C TYR A 55 -7.89 4.93 -18.92
N PRO A 56 -9.18 5.22 -19.13
CA PRO A 56 -9.84 4.99 -20.41
C PRO A 56 -9.28 5.81 -21.59
N VAL A 57 -8.55 6.91 -21.36
CA VAL A 57 -7.97 7.60 -22.49
C VAL A 57 -6.46 7.40 -22.63
N ALA A 58 -5.74 7.07 -21.55
CA ALA A 58 -4.31 6.78 -21.61
C ALA A 58 -3.88 5.86 -20.46
N ASN A 59 -3.57 4.62 -20.74
CA ASN A 59 -3.10 3.76 -19.66
C ASN A 59 -1.86 2.90 -19.94
N THR A 60 -0.97 3.40 -20.76
CA THR A 60 0.32 2.78 -21.06
C THR A 60 1.37 3.87 -20.98
N PRO A 61 2.69 3.65 -20.77
CA PRO A 61 3.68 4.72 -20.75
C PRO A 61 3.68 5.58 -22.04
N ALA A 62 3.49 4.96 -23.21
CA ALA A 62 3.42 5.64 -24.51
C ALA A 62 2.22 6.55 -24.74
N ALA A 63 1.02 6.13 -24.33
CA ALA A 63 -0.18 6.97 -24.42
C ALA A 63 -0.10 8.11 -23.42
N MET A 64 0.44 7.82 -22.24
CA MET A 64 0.67 8.83 -21.23
C MET A 64 1.64 9.92 -21.69
N LEU A 65 2.76 9.50 -22.29
CA LEU A 65 3.72 10.49 -22.83
C LEU A 65 3.12 11.36 -23.96
N GLU A 66 2.28 10.75 -24.81
CA GLU A 66 1.55 11.46 -25.87
C GLU A 66 0.52 12.49 -25.36
N LEU A 67 0.01 12.24 -24.16
CA LEU A 67 -0.89 13.18 -23.52
C LEU A 67 -0.12 14.41 -23.03
N GLY A 68 1.12 14.23 -22.59
CA GLY A 68 1.96 15.33 -22.11
C GLY A 68 1.70 15.84 -20.70
N VAL A 69 2.60 16.58 -20.05
CA VAL A 69 2.40 17.13 -18.71
C VAL A 69 1.09 17.86 -18.51
N GLU A 70 0.86 18.79 -19.43
CA GLU A 70 -0.37 19.55 -19.39
C GLU A 70 -1.62 18.71 -19.71
N GLY A 71 -1.60 17.71 -20.61
CA GLY A 71 -2.74 16.82 -20.80
C GLY A 71 -3.07 15.98 -19.54
N VAL A 72 -2.04 15.44 -18.87
CA VAL A 72 -2.20 14.72 -17.63
C VAL A 72 -2.85 15.58 -16.57
N LYS A 73 -2.35 16.81 -16.36
CA LYS A 73 -2.93 17.73 -15.37
C LYS A 73 -4.43 17.99 -15.57
N THR A 74 -4.90 18.08 -16.80
CA THR A 74 -6.32 18.17 -17.11
C THR A 74 -7.18 17.06 -16.46
N TYR A 75 -6.72 15.80 -16.52
CA TYR A 75 -7.41 14.69 -15.89
C TYR A 75 -7.18 14.53 -14.40
N ILE A 76 -6.07 14.98 -13.82
CA ILE A 76 -5.81 14.81 -12.36
C ILE A 76 -5.85 16.09 -11.55
N LYS A 77 -6.24 17.27 -12.09
CA LYS A 77 -6.30 18.54 -11.34
C LYS A 77 -7.11 18.57 -10.04
N THR A 78 -7.95 17.56 -9.82
CA THR A 78 -8.68 17.42 -8.54
C THR A 78 -7.85 16.85 -7.37
N ILE A 79 -6.70 16.26 -7.66
CA ILE A 79 -5.82 15.70 -6.65
C ILE A 79 -4.76 16.66 -6.11
N GLY A 80 -4.45 16.60 -4.83
CA GLY A 80 -3.38 17.42 -4.26
C GLY A 80 -2.02 17.25 -4.95
N LEU A 81 -1.25 18.34 -5.07
CA LEU A 81 0.08 18.36 -5.69
C LEU A 81 0.10 17.85 -7.12
N TYR A 82 -1.03 17.94 -7.85
CA TYR A 82 -1.06 17.42 -9.20
C TYR A 82 -0.04 18.04 -10.18
N ASN A 83 0.52 19.23 -9.98
CA ASN A 83 1.55 19.73 -10.92
C ASN A 83 2.85 18.95 -10.80
N SER A 84 3.34 18.68 -9.59
CA SER A 84 4.55 17.87 -9.46
C SER A 84 4.29 16.39 -9.76
N LYS A 85 3.10 15.90 -9.38
CA LYS A 85 2.66 14.55 -9.75
C LYS A 85 2.66 14.34 -11.27
N ALA A 86 2.06 15.26 -12.04
CA ALA A 86 2.11 15.19 -13.51
C ALA A 86 3.53 15.15 -14.10
N GLU A 87 4.48 15.96 -13.57
CA GLU A 87 5.91 15.91 -13.93
C GLU A 87 6.52 14.54 -13.63
N ASN A 88 6.41 14.06 -12.39
CA ASN A 88 6.91 12.72 -12.04
C ASN A 88 6.32 11.65 -12.92
N ILE A 89 5.02 11.71 -13.22
CA ILE A 89 4.42 10.73 -14.13
C ILE A 89 5.10 10.71 -15.50
N ILE A 90 5.22 11.87 -16.19
CA ILE A 90 5.82 11.89 -17.52
C ILE A 90 7.29 11.40 -17.54
N LYS A 91 8.05 11.86 -16.53
CA LYS A 91 9.42 11.40 -16.37
C LYS A 91 9.51 9.89 -16.14
N THR A 92 8.67 9.34 -15.25
CA THR A 92 8.67 7.89 -15.02
C THR A 92 8.32 7.14 -16.29
N CYS A 93 7.34 7.58 -17.09
CA CYS A 93 6.98 6.94 -18.36
C CYS A 93 8.13 6.92 -19.38
N ARG A 94 8.92 8.00 -19.41
CA ARG A 94 10.08 8.07 -20.29
C ARG A 94 11.15 7.04 -19.93
N ILE A 95 11.54 7.01 -18.64
CA ILE A 95 12.46 5.98 -18.11
C ILE A 95 12.00 4.54 -18.38
N LEU A 96 10.69 4.26 -18.17
CA LEU A 96 10.15 2.94 -18.47
C LEU A 96 10.26 2.64 -19.95
N LEU A 97 10.06 3.63 -20.81
CA LEU A 97 10.18 3.38 -22.25
C LEU A 97 11.60 3.12 -22.75
N GLU A 98 12.51 3.96 -22.28
CA GLU A 98 13.94 3.84 -22.59
C GLU A 98 14.59 2.63 -21.90
N GLN A 99 14.81 2.78 -20.59
CA GLN A 99 15.51 1.77 -19.84
C GLN A 99 14.83 0.46 -19.52
N HIS A 100 13.50 0.41 -19.45
CA HIS A 100 12.81 -0.81 -19.02
C HIS A 100 11.82 -1.39 -20.01
N ASN A 101 11.92 -0.80 -21.18
CA ASN A 101 11.14 -1.15 -22.36
C ASN A 101 9.62 -1.28 -22.30
N GLY A 102 9.12 -0.16 -21.77
CA GLY A 102 7.70 0.05 -21.49
C GLY A 102 7.08 -0.80 -20.37
N GLU A 103 7.91 -1.53 -19.62
CA GLU A 103 7.45 -2.39 -18.54
C GLU A 103 7.76 -1.79 -17.19
N VAL A 104 6.91 -2.10 -16.21
CA VAL A 104 7.24 -1.80 -14.83
C VAL A 104 8.23 -2.91 -14.39
N PRO A 105 9.48 -2.62 -14.02
CA PRO A 105 10.47 -3.62 -13.61
C PRO A 105 10.23 -4.32 -12.26
N GLU A 106 10.29 -5.64 -12.20
CA GLU A 106 10.25 -6.32 -10.91
C GLU A 106 11.58 -6.23 -10.14
N ASP A 107 12.00 -5.04 -9.77
CA ASP A 107 13.26 -4.85 -9.06
C ASP A 107 13.21 -3.63 -8.16
N ARG A 108 13.43 -3.81 -6.85
CA ARG A 108 13.40 -2.71 -5.88
C ARG A 108 14.28 -1.51 -6.18
N ALA A 109 15.57 -1.68 -6.41
CA ALA A 109 16.42 -0.54 -6.76
C ALA A 109 15.97 0.18 -8.05
N ALA A 110 15.57 -0.53 -9.10
CA ALA A 110 15.05 0.10 -10.30
C ALA A 110 13.76 0.91 -10.00
N LEU A 111 12.80 0.39 -9.24
CA LEU A 111 11.62 1.15 -8.92
C LEU A 111 11.91 2.36 -8.05
N GLU A 112 12.79 2.22 -7.06
CA GLU A 112 13.22 3.33 -6.19
C GLU A 112 13.95 4.50 -6.87
N ALA A 113 14.56 4.15 -7.99
CA ALA A 113 15.17 5.11 -8.89
C ALA A 113 14.18 6.04 -9.63
N LEU A 114 12.94 5.58 -9.76
CA LEU A 114 11.94 6.34 -10.48
C LEU A 114 11.46 7.55 -9.69
N PRO A 115 11.24 8.67 -10.37
CA PRO A 115 10.77 9.91 -9.79
C PRO A 115 9.47 9.78 -9.02
N GLY A 116 9.47 10.13 -7.75
CA GLY A 116 8.25 10.04 -6.97
C GLY A 116 8.07 8.74 -6.22
N VAL A 117 8.78 7.68 -6.57
CA VAL A 117 8.60 6.46 -5.82
C VAL A 117 9.80 6.16 -4.91
N GLY A 118 9.54 6.02 -3.61
CA GLY A 118 10.59 5.69 -2.64
C GLY A 118 10.59 4.24 -2.15
N ARG A 119 11.31 3.89 -1.08
CA ARG A 119 11.31 2.50 -0.56
C ARG A 119 9.96 1.88 -0.22
N LYS A 120 9.12 2.61 0.51
CA LYS A 120 7.80 2.12 0.88
C LYS A 120 6.91 1.92 -0.33
N THR A 121 6.99 2.86 -1.27
CA THR A 121 6.22 2.74 -2.51
C THR A 121 6.68 1.57 -3.36
N ALA A 122 7.98 1.42 -3.59
CA ALA A 122 8.55 0.25 -4.28
C ALA A 122 8.11 -1.07 -3.65
N ASN A 123 8.16 -1.17 -2.32
CA ASN A 123 7.65 -2.30 -1.57
C ASN A 123 6.17 -2.50 -1.73
N VAL A 124 5.35 -1.46 -1.72
CA VAL A 124 3.93 -1.66 -1.95
C VAL A 124 3.71 -2.17 -3.39
N VAL A 125 4.37 -1.59 -4.39
CA VAL A 125 4.20 -2.05 -5.77
C VAL A 125 4.67 -3.49 -5.99
N LEU A 126 5.84 -3.90 -5.48
CA LEU A 126 6.34 -5.29 -5.57
C LEU A 126 5.39 -6.24 -4.89
N ASN A 127 4.88 -5.92 -3.69
CA ASN A 127 3.86 -6.76 -3.04
C ASN A 127 2.51 -6.85 -3.78
N THR A 128 1.96 -5.70 -4.19
CA THR A 128 0.58 -5.66 -4.71
C THR A 128 0.49 -6.03 -6.17
N ALA A 129 1.39 -5.53 -7.00
CA ALA A 129 1.33 -5.93 -8.40
C ALA A 129 2.05 -7.27 -8.70
N PHE A 130 3.16 -7.61 -8.02
CA PHE A 130 3.95 -8.80 -8.39
C PHE A 130 3.99 -9.88 -7.34
N GLY A 131 3.31 -9.74 -6.21
CA GLY A 131 3.23 -10.81 -5.22
C GLY A 131 4.47 -11.09 -4.38
N TRP A 132 5.38 -10.12 -4.25
CA TRP A 132 6.58 -10.26 -3.43
C TRP A 132 6.29 -10.30 -1.90
N PRO A 133 7.06 -11.02 -1.08
CA PRO A 133 6.85 -11.08 0.38
C PRO A 133 7.37 -9.84 1.10
N THR A 134 7.10 -8.63 0.59
CA THR A 134 7.53 -7.40 1.25
C THR A 134 6.39 -6.83 2.09
N ILE A 135 6.75 -6.26 3.21
CA ILE A 135 5.75 -5.77 4.16
C ILE A 135 6.02 -4.32 4.54
N ALA A 136 5.56 -3.38 3.73
CA ALA A 136 5.73 -1.96 4.02
C ALA A 136 4.91 -1.46 5.24
N VAL A 137 5.49 -0.69 6.16
CA VAL A 137 4.79 -0.20 7.35
C VAL A 137 4.46 1.30 7.29
N ASP A 138 3.16 1.53 7.37
CA ASP A 138 2.67 2.91 7.46
C ASP A 138 2.20 3.26 8.89
N THR A 139 1.59 4.41 9.13
CA THR A 139 1.03 4.77 10.43
C THR A 139 -0.03 3.76 10.90
N HIS A 140 -0.98 3.27 10.07
CA HIS A 140 -1.94 2.23 10.48
C HIS A 140 -1.34 0.90 10.95
N ILE A 141 -0.40 0.34 10.17
CA ILE A 141 0.22 -0.91 10.53
C ILE A 141 1.09 -0.64 11.76
N PHE A 142 1.78 0.51 11.87
CA PHE A 142 2.52 0.80 13.07
C PHE A 142 1.59 0.81 14.30
N ARG A 143 0.47 1.51 14.29
CA ARG A 143 -0.46 1.51 15.44
C ARG A 143 -1.02 0.13 15.79
N VAL A 144 -1.43 -0.65 14.79
CA VAL A 144 -1.95 -2.00 15.00
C VAL A 144 -0.88 -2.90 15.63
N CYS A 145 0.34 -2.91 15.10
CA CYS A 145 1.39 -3.79 15.62
C CYS A 145 1.77 -3.47 17.06
N ASN A 146 1.80 -2.20 17.44
CA ASN A 146 2.09 -1.79 18.80
C ASN A 146 0.90 -1.99 19.71
N ARG A 147 -0.34 -1.64 19.34
CA ARG A 147 -1.48 -1.94 20.21
C ARG A 147 -1.67 -3.42 20.52
N THR A 148 -1.68 -4.29 19.51
CA THR A 148 -1.86 -5.72 19.72
C THR A 148 -0.69 -6.48 20.37
N GLN A 149 0.51 -5.85 20.26
CA GLN A 149 1.83 -6.42 20.58
C GLN A 149 2.26 -7.51 19.58
N PHE A 150 1.61 -7.61 18.41
CA PHE A 150 1.99 -8.55 17.35
C PHE A 150 3.44 -8.30 16.92
N ALA A 151 3.86 -7.05 16.72
CA ALA A 151 5.24 -6.73 16.37
C ALA A 151 5.56 -5.32 16.83
N PRO A 152 5.79 -5.07 18.12
CA PRO A 152 6.01 -3.74 18.64
C PRO A 152 7.34 -3.15 18.22
N GLY A 153 7.44 -1.85 18.13
CA GLY A 153 8.66 -1.19 17.80
C GLY A 153 8.53 0.30 18.01
N LYS A 154 9.65 1.03 18.15
CA LYS A 154 9.66 2.47 18.41
C LYS A 154 9.56 3.36 17.18
N ASN A 155 9.89 2.84 16.02
CA ASN A 155 9.76 3.57 14.77
C ASN A 155 9.42 2.59 13.64
N VAL A 156 9.21 3.10 12.44
CA VAL A 156 8.84 2.27 11.30
C VAL A 156 9.83 1.13 11.00
N GLU A 157 11.15 1.38 10.96
CA GLU A 157 12.12 0.33 10.65
C GLU A 157 12.14 -0.84 11.62
N GLN A 158 12.02 -0.59 12.93
CA GLN A 158 11.94 -1.67 13.91
C GLN A 158 10.72 -2.57 13.74
N VAL A 159 9.56 -1.97 13.42
CA VAL A 159 8.33 -2.77 13.25
C VAL A 159 8.47 -3.56 11.94
N GLU A 160 9.00 -2.95 10.89
CA GLU A 160 9.22 -3.64 9.62
C GLU A 160 10.15 -4.84 9.73
N GLU A 161 11.23 -4.63 10.46
CA GLU A 161 12.19 -5.68 10.74
C GLU A 161 11.60 -6.76 11.65
N LYS A 162 10.88 -6.46 12.74
CA LYS A 162 10.18 -7.48 13.53
C LYS A 162 9.15 -8.29 12.73
N LEU A 163 8.35 -7.62 11.89
CA LEU A 163 7.39 -8.31 11.04
C LEU A 163 8.06 -9.30 10.08
N LEU A 164 9.19 -8.92 9.47
CA LEU A 164 9.88 -9.89 8.61
C LEU A 164 10.46 -11.09 9.39
N LYS A 165 10.74 -10.98 10.70
CA LYS A 165 11.14 -12.11 11.56
C LYS A 165 9.99 -12.93 12.12
N VAL A 166 8.87 -12.32 12.49
CA VAL A 166 7.77 -13.06 13.10
C VAL A 166 6.63 -13.57 12.21
N VAL A 167 6.44 -13.06 11.00
CA VAL A 167 5.34 -13.54 10.20
C VAL A 167 5.80 -14.81 9.48
N PRO A 168 5.20 -16.00 9.57
CA PRO A 168 5.59 -17.15 8.73
C PRO A 168 5.60 -16.85 7.23
N ALA A 169 6.51 -17.45 6.47
CA ALA A 169 6.57 -17.27 5.02
C ALA A 169 5.25 -17.44 4.30
N GLU A 170 4.45 -18.39 4.78
CA GLU A 170 3.12 -18.65 4.25
C GLU A 170 2.17 -17.45 4.23
N PHE A 171 2.38 -16.57 5.20
CA PHE A 171 1.54 -15.41 5.40
C PHE A 171 2.16 -14.11 4.95
N LYS A 172 3.46 -14.06 4.59
CA LYS A 172 4.09 -12.79 4.27
C LYS A 172 3.57 -12.04 3.04
N VAL A 173 2.98 -12.68 2.00
CA VAL A 173 2.49 -11.92 0.84
C VAL A 173 1.19 -11.18 1.15
N ASP A 174 0.34 -11.70 2.02
CA ASP A 174 -0.90 -11.02 2.37
C ASP A 174 -0.86 -10.21 3.64
N CYS A 175 0.24 -10.24 4.38
CA CYS A 175 0.33 -9.54 5.67
C CYS A 175 0.10 -8.01 5.66
N HIS A 176 0.76 -7.28 4.74
CA HIS A 176 0.57 -5.85 4.65
C HIS A 176 -0.91 -5.46 4.50
N HIS A 177 -1.60 -6.02 3.50
CA HIS A 177 -2.98 -5.65 3.27
C HIS A 177 -3.91 -6.06 4.39
N TRP A 178 -3.71 -7.22 5.00
CA TRP A 178 -4.50 -7.57 6.18
C TRP A 178 -4.33 -6.55 7.30
N LEU A 179 -3.11 -6.11 7.63
CA LEU A 179 -2.94 -5.22 8.75
C LEU A 179 -3.39 -3.80 8.46
N ILE A 180 -3.25 -3.30 7.22
CA ILE A 180 -3.69 -1.95 6.92
C ILE A 180 -5.23 -1.86 6.88
N LEU A 181 -5.94 -2.87 6.33
CA LEU A 181 -7.41 -2.87 6.29
C LEU A 181 -7.96 -3.01 7.71
N HIS A 182 -7.28 -3.77 8.58
CA HIS A 182 -7.63 -3.90 9.99
C HIS A 182 -7.45 -2.56 10.71
N GLY A 183 -6.36 -1.85 10.45
CA GLY A 183 -6.18 -0.55 11.09
C GLY A 183 -7.15 0.53 10.62
N ARG A 184 -7.41 0.55 9.33
CA ARG A 184 -8.28 1.55 8.70
C ARG A 184 -9.75 1.42 9.10
N TYR A 185 -10.26 0.21 9.20
CA TYR A 185 -11.66 0.01 9.47
C TYR A 185 -12.04 -0.53 10.82
N THR A 186 -11.13 -1.11 11.59
CA THR A 186 -11.48 -1.63 12.92
C THR A 186 -10.65 -1.01 14.05
N CYS A 187 -9.32 -1.10 13.96
CA CYS A 187 -8.42 -0.60 14.97
C CYS A 187 -8.04 0.84 14.69
N ILE A 188 -9.07 1.65 14.60
CA ILE A 188 -8.86 3.03 14.17
C ILE A 188 -8.22 3.88 15.26
N ALA A 189 -7.58 4.99 14.92
CA ALA A 189 -6.86 5.82 15.86
C ALA A 189 -7.66 6.36 17.05
N ARG A 190 -8.71 7.13 16.80
CA ARG A 190 -9.53 7.62 17.92
C ARG A 190 -10.64 6.61 18.21
N LYS A 191 -10.66 5.97 19.37
CA LYS A 191 -11.67 4.94 19.71
C LYS A 191 -11.77 3.68 18.79
N PRO A 192 -10.85 2.74 19.00
CA PRO A 192 -10.84 1.45 18.35
C PRO A 192 -12.16 0.69 18.42
N ARG A 193 -12.56 -0.12 17.44
CA ARG A 193 -13.83 -0.85 17.50
C ARG A 193 -13.63 -2.22 18.13
N CYS A 194 -13.08 -2.22 19.34
CA CYS A 194 -12.75 -3.42 20.09
C CYS A 194 -13.86 -4.42 20.40
N GLY A 195 -15.08 -3.91 20.67
CA GLY A 195 -16.22 -4.79 20.93
C GLY A 195 -16.70 -5.57 19.72
N SER A 196 -16.22 -5.19 18.54
CA SER A 196 -16.54 -5.87 17.29
C SER A 196 -15.27 -6.38 16.55
N CYS A 197 -14.16 -6.47 17.25
CA CYS A 197 -12.93 -6.86 16.62
C CYS A 197 -12.70 -8.35 16.57
N ILE A 198 -12.40 -8.85 15.37
CA ILE A 198 -12.26 -10.30 15.19
C ILE A 198 -11.06 -10.90 15.92
N ILE A 199 -10.09 -10.08 16.34
CA ILE A 199 -8.98 -10.62 17.11
C ILE A 199 -8.91 -10.06 18.54
N GLU A 200 -10.02 -9.55 19.06
CA GLU A 200 -10.04 -8.92 20.38
C GLU A 200 -9.49 -9.83 21.45
N ASP A 201 -9.89 -11.12 21.51
CA ASP A 201 -9.34 -11.98 22.56
C ASP A 201 -7.88 -12.40 22.40
N LEU A 202 -7.25 -12.11 21.26
CA LEU A 202 -5.82 -12.33 21.10
C LEU A 202 -4.99 -11.05 21.26
N CYS A 203 -5.64 -9.88 21.12
CA CYS A 203 -4.96 -8.60 21.26
C CYS A 203 -4.54 -8.23 22.70
N GLU A 204 -3.31 -7.81 22.91
CA GLU A 204 -2.78 -7.45 24.23
C GLU A 204 -2.84 -5.97 24.63
N TYR A 205 -3.68 -5.20 23.97
CA TYR A 205 -3.87 -3.78 24.28
C TYR A 205 -4.51 -3.60 25.68
N LYS A 206 -3.92 -2.82 26.58
CA LYS A 206 -4.50 -2.66 27.90
C LYS A 206 -5.63 -1.63 27.97
N GLU A 207 -5.90 -0.81 26.95
CA GLU A 207 -6.95 0.19 27.02
C GLU A 207 -8.10 -0.06 26.05
N LYS A 208 -8.48 -1.34 25.83
CA LYS A 208 -9.56 -1.69 24.92
C LYS A 208 -10.86 -0.96 25.23
N VAL A 209 -11.65 -0.60 24.23
CA VAL A 209 -12.75 0.29 24.57
C VAL A 209 -14.17 -0.24 24.81
N ASP A 210 -14.93 -0.83 23.88
CA ASP A 210 -16.33 -1.19 24.20
C ASP A 210 -16.54 -2.64 24.66
N ILE A 211 -15.53 -3.06 25.45
CA ILE A 211 -15.39 -4.42 26.00
C ILE A 211 -15.42 -5.51 24.89
FE1 SF4 B . -9.02 -5.11 18.02
FE2 SF4 B . -7.37 -2.93 17.86
FE3 SF4 B . -9.15 -3.12 19.94
FE4 SF4 B . -6.98 -4.81 19.81
S1 SF4 B . -6.93 -2.53 20.09
S2 SF4 B . -9.13 -5.39 20.32
S3 SF4 B . -6.79 -5.14 17.51
S4 SF4 B . -9.66 -2.94 17.66
#